data_5CYX
#
_entry.id   5CYX
#
_cell.length_a   74.767
_cell.length_b   74.767
_cell.length_c   140.620
_cell.angle_alpha   90.00
_cell.angle_beta   90.00
_cell.angle_gamma   120.00
#
_symmetry.space_group_name_H-M   'P 3 2 1'
#
loop_
_entity.id
_entity.type
_entity.pdbx_description
1 polymer 'Protein Cdhr2'
2 non-polymer 'CALCIUM ION'
3 non-polymer 'CHLORIDE ION'
4 water water
#
_entity_poly.entity_id   1
_entity_poly.type   'polypeptide(L)'
_entity_poly.pdbx_seq_one_letter_code
;MNSPPSFGVNMTLVTLPEDLPVGAVAFWLVATDSDNDHLTYGISGPNASYFSVNANTGEVKLASPLDFETVPFFKITIST
SDGLNIRTAEMQVIVEDRNDNIPVFLNTEFSTSINETLPVGSVVFSVLAEDKDTGTAGLVQYFIEKVIPSTANSNNLFRI
LENGSIVLNDTLSYNNKSAFYQLELKACDSGGILDNKPKTQCSQPVFVSISVIDEPDLDPRFIREFYSASVAEDATLGTS
VLTVEAVDSDKGINDIVTYSVSNSTRPGWFDIREDGVIFVNGSLDREQLLLENEEVQIQVTATEKNLNIYGQEAKASMWV
TIRVTDVNDLEHHHHHH
;
_entity_poly.pdbx_strand_id   A
#
loop_
_chem_comp.id
_chem_comp.type
_chem_comp.name
_chem_comp.formula
CA non-polymer 'CALCIUM ION' 'Ca 2'
CL non-polymer 'CHLORIDE ION' 'Cl -1'
#
# COMPACT_ATOMS: atom_id res chain seq x y z
N ASN A 2 21.44 -42.73 -42.98
CA ASN A 2 21.46 -44.06 -42.29
C ASN A 2 22.85 -44.43 -41.73
N SER A 3 23.89 -44.10 -42.47
CA SER A 3 25.30 -44.29 -42.08
C SER A 3 25.79 -43.15 -41.13
N PRO A 4 26.46 -43.51 -40.01
CA PRO A 4 26.74 -42.47 -39.01
C PRO A 4 27.86 -41.51 -39.42
N PRO A 5 27.82 -40.25 -38.90
CA PRO A 5 28.87 -39.28 -39.20
C PRO A 5 30.25 -39.83 -38.87
N SER A 6 31.26 -39.38 -39.62
CA SER A 6 32.61 -39.89 -39.53
C SER A 6 33.47 -39.06 -38.58
N PHE A 7 32.85 -38.13 -37.87
CA PHE A 7 33.54 -37.27 -36.92
C PHE A 7 32.57 -37.04 -35.78
N GLY A 8 33.12 -36.63 -34.67
CA GLY A 8 32.40 -35.93 -33.59
C GLY A 8 32.97 -34.51 -33.44
N VAL A 9 32.41 -33.79 -32.49
CA VAL A 9 32.59 -32.37 -32.33
C VAL A 9 32.92 -32.20 -30.84
N ASN A 10 34.03 -31.55 -30.52
CA ASN A 10 34.41 -31.23 -29.15
C ASN A 10 34.38 -29.71 -28.98
N MET A 11 33.50 -29.22 -28.13
CA MET A 11 33.45 -27.80 -27.77
C MET A 11 34.59 -27.52 -26.83
N THR A 12 34.99 -26.25 -26.76
CA THR A 12 36.01 -25.80 -25.79
C THR A 12 35.45 -25.53 -24.40
N LEU A 13 34.14 -25.67 -24.22
CA LEU A 13 33.49 -25.31 -22.97
C LEU A 13 32.54 -26.38 -22.52
N VAL A 14 32.21 -26.33 -21.23
CA VAL A 14 31.17 -27.17 -20.67
C VAL A 14 30.17 -26.28 -19.89
N THR A 15 28.88 -26.56 -20.05
CA THR A 15 27.83 -25.75 -19.47
C THR A 15 27.16 -26.53 -18.37
N LEU A 16 27.17 -26.01 -17.14
CA LEU A 16 26.48 -26.65 -16.00
C LEU A 16 25.37 -25.77 -15.43
N PRO A 17 24.21 -26.33 -15.07
CA PRO A 17 23.29 -25.52 -14.29
C PRO A 17 23.79 -25.28 -12.81
N GLU A 18 23.55 -24.07 -12.31
CA GLU A 18 23.99 -23.66 -10.99
C GLU A 18 23.33 -24.46 -9.85
N ASP A 19 22.21 -25.14 -10.11
CA ASP A 19 21.58 -26.02 -9.09
C ASP A 19 22.11 -27.45 -9.14
N LEU A 20 23.20 -27.71 -9.88
CA LEU A 20 23.87 -29.01 -9.85
C LEU A 20 24.35 -29.26 -8.44
N PRO A 21 23.89 -30.34 -7.82
CA PRO A 21 24.28 -30.62 -6.42
C PRO A 21 25.72 -31.06 -6.27
N VAL A 22 26.33 -30.68 -5.17
CA VAL A 22 27.65 -31.15 -4.89
C VAL A 22 27.62 -32.66 -4.79
N GLY A 23 28.56 -33.33 -5.44
CA GLY A 23 28.62 -34.80 -5.41
C GLY A 23 27.92 -35.47 -6.57
N ALA A 24 27.11 -34.74 -7.34
CA ALA A 24 26.57 -35.30 -8.58
C ALA A 24 27.69 -35.37 -9.58
N VAL A 25 27.55 -36.27 -10.55
CA VAL A 25 28.50 -36.36 -11.64
C VAL A 25 28.29 -35.17 -12.61
N ALA A 26 29.30 -34.34 -12.80
CA ALA A 26 29.17 -33.24 -13.71
C ALA A 26 29.40 -33.72 -15.15
N PHE A 27 30.37 -34.63 -15.31
CA PHE A 27 30.71 -35.19 -16.58
C PHE A 27 31.83 -36.21 -16.44
N TRP A 28 32.09 -36.89 -17.56
CA TRP A 28 33.14 -37.86 -17.76
C TRP A 28 34.15 -37.32 -18.73
N LEU A 29 35.43 -37.42 -18.38
CA LEU A 29 36.51 -37.17 -19.32
C LEU A 29 36.84 -38.50 -19.99
N VAL A 30 36.93 -38.48 -21.33
CA VAL A 30 37.21 -39.65 -22.16
C VAL A 30 38.30 -39.26 -23.18
N ALA A 31 39.22 -40.15 -23.54
CA ALA A 31 40.13 -39.97 -24.74
C ALA A 31 39.43 -40.61 -25.95
N THR A 32 39.58 -40.27 -27.24
CA THR A 32 40.72 -39.74 -28.02
C THR A 32 42.10 -40.38 -27.74
N LEU A 39 45.16 -44.55 -19.61
CA LEU A 39 45.79 -43.37 -19.06
C LEU A 39 44.99 -42.69 -17.93
N THR A 40 45.62 -41.73 -17.25
CA THR A 40 44.99 -41.04 -16.13
C THR A 40 44.67 -39.56 -16.39
N TYR A 41 43.62 -39.08 -15.73
CA TYR A 41 43.11 -37.71 -15.89
C TYR A 41 43.28 -36.91 -14.61
N GLY A 42 43.36 -35.60 -14.75
CA GLY A 42 43.37 -34.69 -13.59
C GLY A 42 42.76 -33.34 -13.93
N ILE A 43 42.43 -32.59 -12.90
CA ILE A 43 42.00 -31.21 -13.03
C ILE A 43 42.89 -30.35 -12.13
N SER A 44 43.41 -29.26 -12.68
CA SER A 44 44.36 -28.37 -11.96
C SER A 44 44.07 -26.90 -12.25
N GLY A 45 44.78 -26.04 -11.55
CA GLY A 45 44.68 -24.59 -11.72
C GLY A 45 43.86 -24.02 -10.59
N PRO A 46 43.66 -22.70 -10.59
CA PRO A 46 43.07 -22.03 -9.41
C PRO A 46 41.63 -22.48 -9.08
N ASN A 47 40.86 -22.91 -10.08
CA ASN A 47 39.51 -23.43 -9.85
C ASN A 47 39.38 -24.94 -9.70
N ALA A 48 40.49 -25.65 -9.49
CA ALA A 48 40.48 -27.11 -9.32
C ALA A 48 39.50 -27.63 -8.28
N SER A 49 39.22 -26.84 -7.25
CA SER A 49 38.42 -27.32 -6.11
C SER A 49 36.92 -27.40 -6.40
N TYR A 50 36.48 -26.87 -7.53
CA TYR A 50 35.12 -27.09 -7.95
C TYR A 50 34.85 -28.52 -8.35
N PHE A 51 35.88 -29.29 -8.68
CA PHE A 51 35.69 -30.66 -9.11
C PHE A 51 36.56 -31.67 -8.39
N SER A 52 36.08 -32.91 -8.41
CA SER A 52 36.76 -34.06 -7.87
C SER A 52 36.81 -35.05 -9.00
N VAL A 53 38.01 -35.42 -9.43
CA VAL A 53 38.19 -36.33 -10.60
C VAL A 53 38.62 -37.73 -10.18
N ASN A 54 38.01 -38.74 -10.75
CA ASN A 54 38.55 -40.09 -10.61
C ASN A 54 39.63 -40.26 -11.70
N ALA A 55 40.87 -40.40 -11.25
CA ALA A 55 42.03 -40.35 -12.13
C ALA A 55 42.05 -41.48 -13.13
N ASN A 56 41.43 -42.61 -12.78
CA ASN A 56 41.45 -43.79 -13.63
C ASN A 56 40.25 -43.87 -14.55
N THR A 57 39.06 -43.54 -14.05
CA THR A 57 37.85 -43.73 -14.81
C THR A 57 37.39 -42.50 -15.56
N GLY A 58 37.86 -41.33 -15.17
CA GLY A 58 37.48 -40.06 -15.82
C GLY A 58 36.21 -39.42 -15.25
N GLU A 59 35.61 -40.08 -14.27
CA GLU A 59 34.43 -39.58 -13.59
C GLU A 59 34.75 -38.25 -12.90
N VAL A 60 34.01 -37.19 -13.23
CA VAL A 60 34.17 -35.90 -12.59
C VAL A 60 32.91 -35.49 -11.89
N LYS A 61 33.00 -35.41 -10.57
CA LYS A 61 31.93 -34.91 -9.72
C LYS A 61 32.12 -33.46 -9.34
N LEU A 62 31.02 -32.77 -9.11
CA LEU A 62 31.05 -31.42 -8.67
C LEU A 62 31.50 -31.44 -7.20
N ALA A 63 32.51 -30.67 -6.81
CA ALA A 63 33.03 -30.75 -5.39
C ALA A 63 32.78 -29.50 -4.53
N SER A 64 32.23 -28.46 -5.15
CA SER A 64 31.91 -27.27 -4.43
C SER A 64 30.74 -26.62 -5.16
N PRO A 65 29.83 -25.93 -4.44
CA PRO A 65 28.62 -25.40 -5.05
C PRO A 65 28.88 -24.33 -6.11
N LEU A 66 28.13 -24.41 -7.21
CA LEU A 66 28.11 -23.47 -8.27
C LEU A 66 27.14 -22.38 -7.90
N ASP A 67 27.38 -21.16 -8.39
CA ASP A 67 26.54 -20.04 -8.04
C ASP A 67 26.69 -18.97 -9.10
N PHE A 68 25.70 -18.88 -9.97
CA PHE A 68 25.70 -17.95 -11.05
C PHE A 68 25.82 -16.52 -10.56
N GLU A 69 25.17 -16.22 -9.44
CA GLU A 69 25.17 -14.86 -8.92
C GLU A 69 26.57 -14.32 -8.55
N THR A 70 27.52 -15.20 -8.20
CA THR A 70 28.92 -14.78 -7.90
C THR A 70 29.95 -15.18 -8.95
N VAL A 71 29.89 -16.42 -9.45
CA VAL A 71 30.87 -16.89 -10.43
C VAL A 71 30.13 -17.47 -11.65
N PRO A 72 29.78 -16.60 -12.59
CA PRO A 72 29.02 -17.00 -13.77
C PRO A 72 29.77 -17.91 -14.78
N PHE A 73 31.09 -17.82 -14.81
CA PHE A 73 31.94 -18.68 -15.63
C PHE A 73 33.30 -18.76 -14.99
N PHE A 74 34.06 -19.79 -15.32
CA PHE A 74 35.45 -19.88 -14.89
C PHE A 74 36.19 -20.93 -15.72
N LYS A 75 37.51 -20.88 -15.73
CA LYS A 75 38.36 -21.83 -16.46
C LYS A 75 38.90 -22.96 -15.56
N ILE A 76 39.11 -24.11 -16.19
CA ILE A 76 39.82 -25.19 -15.54
C ILE A 76 40.90 -25.72 -16.48
N THR A 77 41.90 -26.35 -15.92
CA THR A 77 42.90 -27.06 -16.71
C THR A 77 42.66 -28.57 -16.49
N ILE A 78 42.46 -29.26 -17.59
CA ILE A 78 42.35 -30.70 -17.62
C ILE A 78 43.65 -31.28 -18.16
N SER A 79 44.08 -32.38 -17.57
CA SER A 79 45.32 -33.06 -17.91
C SER A 79 45.09 -34.54 -18.15
N THR A 80 45.82 -35.11 -19.10
CA THR A 80 45.87 -36.56 -19.33
C THR A 80 47.33 -36.94 -19.31
N SER A 81 47.61 -38.12 -18.78
CA SER A 81 48.96 -38.65 -18.69
C SER A 81 48.98 -40.12 -19.10
N ASP A 82 50.00 -40.47 -19.87
CA ASP A 82 50.29 -41.85 -20.28
C ASP A 82 51.46 -42.45 -19.49
N GLY A 83 51.91 -41.78 -18.41
CA GLY A 83 53.13 -42.16 -17.70
C GLY A 83 54.35 -41.35 -18.14
N LEU A 84 54.47 -41.14 -19.45
CA LEU A 84 55.67 -40.56 -20.06
C LEU A 84 55.50 -39.03 -20.13
N ASN A 85 54.39 -38.58 -20.74
CA ASN A 85 54.07 -37.14 -20.90
C ASN A 85 52.66 -36.76 -20.44
N ILE A 86 52.53 -35.56 -19.89
CA ILE A 86 51.25 -34.98 -19.50
C ILE A 86 50.85 -33.91 -20.53
N ARG A 87 49.72 -34.13 -21.19
CA ARG A 87 49.14 -33.13 -22.08
C ARG A 87 47.97 -32.45 -21.37
N THR A 88 47.94 -31.13 -21.43
CA THR A 88 46.87 -30.33 -20.84
C THR A 88 46.11 -29.49 -21.88
N ALA A 89 44.85 -29.20 -21.59
CA ALA A 89 44.11 -28.16 -22.27
C ALA A 89 43.24 -27.41 -21.26
N GLU A 90 42.98 -26.15 -21.55
CA GLU A 90 42.00 -25.37 -20.79
C GLU A 90 40.60 -25.62 -21.32
N MET A 91 39.65 -25.55 -20.40
CA MET A 91 38.24 -25.77 -20.68
C MET A 91 37.54 -24.68 -19.95
N GLN A 92 36.57 -24.08 -20.57
CA GLN A 92 35.73 -23.13 -19.89
C GLN A 92 34.43 -23.77 -19.34
N VAL A 93 34.05 -23.35 -18.13
CA VAL A 93 32.80 -23.72 -17.52
C VAL A 93 31.83 -22.52 -17.56
N ILE A 94 30.74 -22.63 -18.35
CA ILE A 94 29.65 -21.69 -18.29
C ILE A 94 28.68 -22.19 -17.20
N VAL A 95 28.41 -21.37 -16.19
CA VAL A 95 27.39 -21.66 -15.17
C VAL A 95 26.09 -21.02 -15.62
N GLU A 96 25.03 -21.81 -15.78
CA GLU A 96 23.72 -21.27 -16.13
C GLU A 96 22.88 -20.86 -14.92
N ASP A 97 22.23 -19.71 -15.08
CA ASP A 97 21.35 -19.15 -14.07
C ASP A 97 20.15 -20.08 -13.87
N ARG A 98 19.79 -20.28 -12.60
CA ARG A 98 18.47 -20.94 -12.27
C ARG A 98 17.73 -20.07 -11.21
N ASN A 99 16.42 -20.24 -11.13
CA ASN A 99 15.63 -19.43 -10.23
C ASN A 99 15.73 -19.89 -8.76
N ASP A 100 16.88 -19.57 -8.14
CA ASP A 100 17.13 -19.89 -6.72
C ASP A 100 17.11 -18.63 -5.87
N ASN A 101 16.80 -17.43 -6.41
CA ASN A 101 16.64 -16.29 -5.48
C ASN A 101 15.21 -15.79 -5.41
N ILE A 102 14.83 -15.24 -4.24
CA ILE A 102 13.53 -14.59 -4.05
C ILE A 102 13.57 -13.04 -4.12
N PRO A 103 12.41 -12.42 -4.43
CA PRO A 103 12.29 -10.99 -4.33
C PRO A 103 12.37 -10.57 -2.88
N VAL A 104 13.20 -9.57 -2.62
CA VAL A 104 13.42 -9.08 -1.25
C VAL A 104 13.17 -7.56 -1.20
N PHE A 105 12.50 -7.15 -0.13
CA PHE A 105 12.23 -5.76 0.23
C PHE A 105 13.15 -5.47 1.38
N LEU A 106 13.56 -4.22 1.58
CA LEU A 106 14.43 -3.80 2.71
C LEU A 106 13.77 -3.76 4.13
N ASN A 107 12.46 -3.48 4.21
CA ASN A 107 11.67 -3.63 5.45
C ASN A 107 10.43 -4.46 5.17
N THR A 108 9.81 -4.94 6.25
CA THR A 108 8.53 -5.68 6.20
C THR A 108 7.29 -4.84 6.51
N GLU A 109 7.46 -3.65 7.10
CA GLU A 109 6.34 -2.73 7.32
C GLU A 109 6.67 -1.30 6.97
N PHE A 110 5.65 -0.64 6.41
CA PHE A 110 5.73 0.73 5.93
C PHE A 110 4.50 1.41 6.44
N SER A 111 4.56 2.72 6.55
CA SER A 111 3.40 3.52 6.88
C SER A 111 3.41 4.86 6.11
N THR A 112 2.24 5.42 5.85
CA THR A 112 2.16 6.71 5.22
C THR A 112 0.80 7.35 5.55
N SER A 113 0.69 8.65 5.32
CA SER A 113 -0.56 9.37 5.46
C SER A 113 -1.01 9.96 4.13
N ILE A 114 -2.30 9.92 3.86
CA ILE A 114 -2.85 10.61 2.70
C ILE A 114 -4.11 11.38 3.03
N ASN A 115 -4.28 12.51 2.34
CA ASN A 115 -5.47 13.31 2.44
C ASN A 115 -6.63 12.54 1.86
N GLU A 116 -7.80 12.68 2.46
CA GLU A 116 -8.97 11.95 1.95
C GLU A 116 -9.38 12.47 0.56
N THR A 117 -9.07 13.74 0.22
CA THR A 117 -9.38 14.27 -1.17
C THR A 117 -8.38 13.85 -2.24
N LEU A 118 -7.34 13.06 -1.90
CA LEU A 118 -6.42 12.54 -2.89
C LEU A 118 -7.18 12.05 -4.17
N PRO A 119 -6.80 12.59 -5.34
CA PRO A 119 -7.56 12.16 -6.53
C PRO A 119 -7.30 10.72 -6.98
N VAL A 120 -8.34 10.11 -7.57
CA VAL A 120 -8.20 8.81 -8.12
C VAL A 120 -7.18 8.86 -9.26
N GLY A 121 -6.33 7.84 -9.34
CA GLY A 121 -5.20 7.70 -10.18
C GLY A 121 -3.91 8.22 -9.52
N SER A 122 -4.01 8.80 -8.34
CA SER A 122 -2.79 9.19 -7.60
C SER A 122 -2.06 8.00 -7.05
N VAL A 123 -0.73 8.07 -7.07
CA VAL A 123 0.11 7.15 -6.30
C VAL A 123 0.04 7.44 -4.79
N VAL A 124 -0.25 6.39 -4.03
CA VAL A 124 -0.36 6.43 -2.59
C VAL A 124 0.96 6.15 -1.92
N PHE A 125 1.68 5.17 -2.41
CA PHE A 125 2.92 4.71 -1.84
C PHE A 125 3.56 3.76 -2.82
N SER A 126 4.87 3.69 -2.76
CA SER A 126 5.64 2.82 -3.65
C SER A 126 6.55 1.90 -2.85
N VAL A 127 6.54 0.61 -3.18
CA VAL A 127 7.51 -0.33 -2.65
C VAL A 127 8.46 -0.85 -3.76
N LEU A 128 9.61 -1.36 -3.36
CA LEU A 128 10.57 -1.93 -4.31
C LEU A 128 11.08 -3.25 -3.79
N ALA A 129 10.92 -4.30 -4.58
CA ALA A 129 11.59 -5.56 -4.26
C ALA A 129 12.58 -5.86 -5.34
N GLU A 130 13.68 -6.50 -4.96
CA GLU A 130 14.71 -6.87 -5.94
C GLU A 130 14.94 -8.35 -5.81
N ASP A 131 15.25 -8.96 -6.94
CA ASP A 131 15.47 -10.38 -7.04
C ASP A 131 16.75 -10.53 -7.82
N LYS A 132 17.72 -11.21 -7.21
CA LYS A 132 19.07 -11.30 -7.79
C LYS A 132 19.22 -12.17 -9.04
N ASP A 133 18.21 -12.97 -9.39
CA ASP A 133 18.35 -13.79 -10.58
C ASP A 133 18.24 -12.85 -11.80
N THR A 134 18.54 -13.43 -12.97
CA THR A 134 18.57 -12.70 -14.25
C THR A 134 17.47 -13.26 -15.16
N GLY A 135 16.92 -12.46 -16.08
CA GLY A 135 15.84 -12.91 -16.91
C GLY A 135 14.53 -12.92 -16.12
N THR A 136 13.55 -13.69 -16.61
CA THR A 136 12.23 -13.67 -15.98
C THR A 136 12.35 -14.15 -14.54
N ALA A 137 13.34 -14.95 -14.25
CA ALA A 137 13.59 -15.35 -12.86
C ALA A 137 13.93 -14.19 -11.96
N GLY A 138 14.36 -13.07 -12.58
CA GLY A 138 14.69 -11.87 -11.84
C GLY A 138 13.68 -10.74 -11.92
N LEU A 139 12.60 -10.94 -12.65
CA LEU A 139 11.70 -9.88 -13.05
C LEU A 139 10.52 -9.89 -12.07
N VAL A 140 10.45 -8.82 -11.27
CA VAL A 140 9.56 -8.72 -10.14
C VAL A 140 8.15 -8.20 -10.51
N GLN A 141 7.12 -8.90 -10.02
CA GLN A 141 5.73 -8.46 -10.12
C GLN A 141 5.22 -8.27 -8.71
N TYR A 142 4.25 -7.40 -8.53
CA TYR A 142 3.64 -7.10 -7.25
C TYR A 142 2.17 -7.44 -7.14
N PHE A 143 1.74 -7.76 -5.92
CA PHE A 143 0.36 -8.17 -5.66
C PHE A 143 -0.11 -7.63 -4.33
N ILE A 144 -1.37 -7.19 -4.32
CA ILE A 144 -2.06 -6.84 -3.10
C ILE A 144 -2.78 -8.10 -2.63
N GLU A 145 -2.34 -8.65 -1.51
CA GLU A 145 -2.94 -9.89 -0.98
C GLU A 145 -4.21 -9.64 -0.19
N LYS A 146 -4.18 -8.69 0.72
CA LYS A 146 -5.31 -8.40 1.58
C LYS A 146 -5.39 -6.93 1.90
N VAL A 147 -6.61 -6.44 2.10
CA VAL A 147 -6.87 -5.10 2.62
C VAL A 147 -7.70 -5.25 3.92
N ILE A 148 -7.30 -4.57 4.99
CA ILE A 148 -8.01 -4.56 6.27
C ILE A 148 -8.34 -3.11 6.59
N PRO A 149 -9.59 -2.77 6.94
CA PRO A 149 -10.76 -3.65 6.93
C PRO A 149 -11.15 -4.15 5.53
N SER A 150 -11.66 -5.39 5.46
CA SER A 150 -12.14 -6.05 4.22
C SER A 150 -13.63 -5.83 3.97
N THR A 151 -13.93 -4.98 2.98
CA THR A 151 -15.28 -4.77 2.47
C THR A 151 -15.17 -4.76 0.93
N ALA A 152 -16.29 -4.98 0.23
CA ALA A 152 -16.32 -4.85 -1.24
C ALA A 152 -15.61 -3.53 -1.67
N ASN A 153 -15.88 -2.49 -0.91
CA ASN A 153 -15.33 -1.18 -1.16
C ASN A 153 -13.81 -1.04 -0.83
N SER A 154 -13.33 -1.65 0.24
CA SER A 154 -11.90 -1.55 0.59
C SER A 154 -11.04 -2.30 -0.45
N ASN A 155 -11.55 -3.44 -0.90
CA ASN A 155 -10.87 -4.22 -1.96
C ASN A 155 -10.89 -3.61 -3.38
N ASN A 156 -11.72 -2.59 -3.61
CA ASN A 156 -11.75 -1.83 -4.85
C ASN A 156 -10.87 -0.55 -4.79
N LEU A 157 -10.43 -0.21 -3.60
CA LEU A 157 -9.87 1.10 -3.27
C LEU A 157 -8.45 1.31 -3.78
N PHE A 158 -7.67 0.25 -3.88
CA PHE A 158 -6.26 0.37 -4.14
C PHE A 158 -5.86 -0.66 -5.13
N ARG A 159 -4.85 -0.34 -5.94
CA ARG A 159 -4.35 -1.27 -6.92
C ARG A 159 -2.87 -1.07 -7.11
N ILE A 160 -2.16 -2.07 -7.57
CA ILE A 160 -0.74 -2.00 -7.62
C ILE A 160 -0.22 -2.22 -9.02
N LEU A 161 0.79 -1.47 -9.36
CA LEU A 161 1.38 -1.48 -10.72
C LEU A 161 2.63 -2.36 -10.70
N GLU A 162 3.05 -2.74 -11.89
CA GLU A 162 4.25 -3.54 -12.09
CA GLU A 162 4.28 -3.54 -12.06
C GLU A 162 5.54 -2.91 -11.45
N ASN A 163 5.64 -1.57 -11.43
CA ASN A 163 6.81 -0.88 -10.77
C ASN A 163 6.71 -0.79 -9.23
N GLY A 164 5.64 -1.32 -8.63
CA GLY A 164 5.54 -1.32 -7.14
C GLY A 164 4.80 -0.12 -6.54
N SER A 165 4.30 0.77 -7.41
CA SER A 165 3.41 1.87 -6.98
C SER A 165 1.96 1.42 -6.76
N ILE A 166 1.45 1.74 -5.57
CA ILE A 166 0.08 1.52 -5.16
C ILE A 166 -0.66 2.78 -5.58
N VAL A 167 -1.68 2.61 -6.40
CA VAL A 167 -2.49 3.68 -6.93
C VAL A 167 -3.87 3.67 -6.31
N LEU A 168 -4.36 4.84 -5.98
CA LEU A 168 -5.72 5.00 -5.55
C LEU A 168 -6.71 4.84 -6.69
N ASN A 169 -7.66 3.92 -6.50
CA ASN A 169 -8.66 3.53 -7.49
C ASN A 169 -10.10 3.95 -7.23
N ASP A 170 -10.41 4.42 -6.03
CA ASP A 170 -11.73 4.93 -5.68
C ASP A 170 -11.49 6.00 -4.61
N THR A 171 -12.55 6.71 -4.19
CA THR A 171 -12.43 7.92 -3.40
C THR A 171 -12.40 7.53 -1.94
N LEU A 172 -11.68 8.29 -1.17
CA LEU A 172 -11.53 7.99 0.26
C LEU A 172 -12.60 8.71 1.06
N SER A 173 -12.85 8.29 2.30
CA SER A 173 -13.61 9.11 3.27
C SER A 173 -13.26 8.74 4.70
N TYR A 174 -12.57 9.64 5.40
CA TYR A 174 -12.26 9.46 6.81
C TYR A 174 -13.50 9.09 7.64
N ASN A 175 -14.59 9.81 7.46
CA ASN A 175 -15.83 9.67 8.22
C ASN A 175 -16.84 8.62 7.71
N ASN A 176 -16.89 8.39 6.41
CA ASN A 176 -17.85 7.44 5.87
C ASN A 176 -17.31 6.10 5.36
N LYS A 177 -15.98 5.96 5.26
CA LYS A 177 -15.38 4.69 4.85
C LYS A 177 -14.49 4.17 5.96
N SER A 178 -13.34 4.80 6.15
CA SER A 178 -12.39 4.36 7.15
C SER A 178 -11.28 5.41 7.27
N ALA A 179 -10.84 5.61 8.50
CA ALA A 179 -9.68 6.44 8.79
C ALA A 179 -8.35 5.72 8.54
N PHE A 180 -8.39 4.40 8.37
CA PHE A 180 -7.18 3.58 8.30
CA PHE A 180 -7.19 3.59 8.28
C PHE A 180 -7.37 2.36 7.40
N TYR A 181 -6.29 1.97 6.75
CA TYR A 181 -6.20 0.73 6.02
C TYR A 181 -4.82 0.12 6.25
N GLN A 182 -4.79 -1.19 6.24
CA GLN A 182 -3.58 -1.94 6.22
C GLN A 182 -3.65 -2.88 5.03
N LEU A 183 -2.66 -2.76 4.17
CA LEU A 183 -2.55 -3.58 2.99
C LEU A 183 -1.45 -4.58 3.24
N GLU A 184 -1.70 -5.84 2.90
CA GLU A 184 -0.69 -6.85 2.84
C GLU A 184 -0.28 -7.08 1.37
N LEU A 185 1.02 -7.06 1.07
CA LEU A 185 1.52 -7.29 -0.31
C LEU A 185 2.48 -8.45 -0.37
N LYS A 186 2.69 -8.94 -1.58
CA LYS A 186 3.87 -9.74 -1.89
C LYS A 186 4.45 -9.40 -3.26
N ALA A 187 5.66 -9.88 -3.48
CA ALA A 187 6.34 -9.72 -4.74
C ALA A 187 6.77 -11.11 -5.17
N CYS A 188 6.48 -11.49 -6.41
CA CYS A 188 7.00 -12.72 -7.00
C CYS A 188 7.84 -12.40 -8.21
N ASP A 189 8.68 -13.34 -8.60
CA ASP A 189 9.35 -13.19 -9.86
C ASP A 189 8.37 -13.71 -10.94
N SER A 190 8.82 -13.69 -12.17
CA SER A 190 8.02 -14.03 -13.32
C SER A 190 8.35 -15.47 -13.80
N GLY A 191 8.96 -16.27 -12.91
CA GLY A 191 9.24 -17.65 -13.20
C GLY A 191 10.54 -17.88 -13.94
N GLY A 192 10.90 -19.14 -13.95
CA GLY A 192 12.18 -19.68 -14.43
C GLY A 192 12.18 -21.18 -14.11
N ILE A 193 13.37 -21.74 -13.99
CA ILE A 193 13.59 -23.16 -13.85
C ILE A 193 14.40 -23.36 -12.57
N LEU A 194 14.05 -24.42 -11.83
CA LEU A 194 14.87 -24.89 -10.73
C LEU A 194 14.67 -26.40 -10.63
N ASP A 195 15.78 -27.14 -10.53
CA ASP A 195 15.77 -28.59 -10.69
C ASP A 195 14.96 -29.02 -11.90
N ASN A 196 15.23 -28.41 -13.06
CA ASN A 196 14.70 -28.83 -14.33
C ASN A 196 13.17 -28.73 -14.50
N LYS A 197 12.52 -27.95 -13.66
CA LYS A 197 11.11 -27.67 -13.83
C LYS A 197 10.77 -26.24 -13.51
N PRO A 198 9.60 -25.76 -13.98
CA PRO A 198 9.20 -24.40 -13.69
C PRO A 198 9.21 -24.10 -12.20
N LYS A 199 9.58 -22.88 -11.87
CA LYS A 199 9.66 -22.43 -10.51
C LYS A 199 9.45 -20.92 -10.49
N THR A 200 8.51 -20.48 -9.66
CA THR A 200 8.28 -19.05 -9.41
C THR A 200 8.60 -18.83 -7.95
N GLN A 201 9.33 -17.77 -7.60
CA GLN A 201 9.62 -17.50 -6.15
C GLN A 201 8.86 -16.30 -5.66
N CYS A 202 8.42 -16.34 -4.40
CA CYS A 202 7.66 -15.22 -3.77
C CYS A 202 8.37 -14.67 -2.51
N SER A 203 8.13 -13.40 -2.20
CA SER A 203 8.72 -12.78 -1.04
C SER A 203 7.97 -13.18 0.20
N GLN A 204 8.53 -12.78 1.36
CA GLN A 204 7.77 -12.79 2.59
C GLN A 204 6.69 -11.69 2.49
N PRO A 205 5.57 -11.83 3.22
CA PRO A 205 4.54 -10.78 3.27
C PRO A 205 5.13 -9.47 3.75
N VAL A 206 4.59 -8.37 3.24
CA VAL A 206 4.96 -7.05 3.66
C VAL A 206 3.69 -6.26 3.89
N PHE A 207 3.71 -5.30 4.78
CA PHE A 207 2.54 -4.53 5.15
C PHE A 207 2.69 -3.01 5.01
N VAL A 208 1.63 -2.40 4.48
CA VAL A 208 1.53 -0.95 4.34
C VAL A 208 0.33 -0.43 5.10
N SER A 209 0.64 0.35 6.12
CA SER A 209 -0.34 1.04 6.95
C SER A 209 -0.60 2.42 6.41
N ILE A 210 -1.87 2.67 6.03
CA ILE A 210 -2.30 3.96 5.50
C ILE A 210 -3.20 4.74 6.45
N SER A 211 -2.78 5.92 6.93
CA SER A 211 -3.69 6.82 7.66
C SER A 211 -4.38 7.80 6.69
N VAL A 212 -5.70 7.92 6.79
CA VAL A 212 -6.44 8.90 6.03
C VAL A 212 -6.67 10.11 6.89
N ILE A 213 -6.34 11.27 6.35
CA ILE A 213 -6.45 12.56 7.01
C ILE A 213 -7.78 13.19 6.66
N ASP A 214 -8.51 13.57 7.70
CA ASP A 214 -9.81 14.16 7.55
C ASP A 214 -9.64 15.61 7.09
N GLU A 215 -10.36 15.95 6.02
CA GLU A 215 -10.33 17.31 5.49
C GLU A 215 -11.71 17.96 5.61
N PRO A 216 -11.77 19.29 5.72
CA PRO A 216 -13.05 19.90 6.03
C PRO A 216 -13.96 20.00 4.80
N ASP A 217 -14.80 18.98 4.60
CA ASP A 217 -15.74 18.97 3.48
C ASP A 217 -17.11 18.42 3.80
N LEU A 218 -17.45 18.36 5.08
CA LEU A 218 -18.78 17.98 5.50
C LEU A 218 -19.30 19.11 6.35
N ASP A 219 -20.56 19.47 6.11
CA ASP A 219 -21.19 20.56 6.84
C ASP A 219 -21.50 20.13 8.28
N PRO A 220 -21.70 21.11 9.19
CA PRO A 220 -22.16 20.82 10.55
C PRO A 220 -23.60 20.35 10.64
N ARG A 221 -23.93 19.58 11.67
CA ARG A 221 -25.30 19.07 11.91
C ARG A 221 -25.81 19.34 13.31
N PHE A 222 -27.02 19.87 13.39
CA PHE A 222 -27.66 20.07 14.68
C PHE A 222 -27.88 18.74 15.40
N ILE A 223 -27.82 18.77 16.71
CA ILE A 223 -27.97 17.59 17.56
C ILE A 223 -29.41 17.04 17.52
N ARG A 224 -30.40 17.92 17.43
CA ARG A 224 -31.81 17.53 17.51
C ARG A 224 -32.55 17.98 16.28
N GLU A 225 -33.55 17.21 15.88
CA GLU A 225 -34.43 17.58 14.78
C GLU A 225 -35.45 18.62 15.22
N PHE A 226 -35.73 18.63 16.53
CA PHE A 226 -36.61 19.63 17.12
C PHE A 226 -35.98 20.32 18.33
N TYR A 227 -36.24 21.61 18.42
CA TYR A 227 -35.99 22.40 19.61
C TYR A 227 -37.20 23.34 19.77
N SER A 228 -37.76 23.36 20.96
CA SER A 228 -38.61 24.49 21.38
C SER A 228 -38.40 24.84 22.84
N ALA A 229 -38.91 25.99 23.25
CA ALA A 229 -38.75 26.43 24.61
C ALA A 229 -39.81 27.46 24.90
N SER A 230 -39.85 27.90 26.16
CA SER A 230 -40.80 28.92 26.57
C SER A 230 -40.14 30.06 27.31
N VAL A 231 -40.71 31.25 27.15
CA VAL A 231 -40.23 32.46 27.79
C VAL A 231 -41.40 33.37 28.20
N ALA A 232 -41.35 33.90 29.42
CA ALA A 232 -42.39 34.82 29.90
C ALA A 232 -42.31 36.15 29.17
N GLU A 233 -43.45 36.81 28.96
CA GLU A 233 -43.54 37.98 28.08
C GLU A 233 -42.86 39.25 28.65
N ASP A 234 -42.61 39.24 29.97
CA ASP A 234 -41.93 40.32 30.68
C ASP A 234 -40.46 40.03 30.94
N ALA A 235 -39.92 38.96 30.35
CA ALA A 235 -38.53 38.59 30.51
C ALA A 235 -37.64 39.73 30.02
N THR A 236 -36.62 40.05 30.79
CA THR A 236 -35.75 41.18 30.54
C THR A 236 -34.75 40.95 29.39
N LEU A 237 -34.14 42.04 28.90
CA LEU A 237 -33.14 42.01 27.84
C LEU A 237 -31.99 41.10 28.28
N GLY A 238 -31.69 40.07 27.48
CA GLY A 238 -30.63 39.11 27.77
C GLY A 238 -30.98 37.81 28.52
N THR A 239 -32.25 37.57 28.81
CA THR A 239 -32.68 36.31 29.46
C THR A 239 -32.41 35.10 28.54
N SER A 240 -31.74 34.08 29.06
CA SER A 240 -31.59 32.80 28.34
C SER A 240 -32.95 32.17 28.09
N VAL A 241 -33.09 31.56 26.92
CA VAL A 241 -34.29 30.88 26.52
C VAL A 241 -33.99 29.39 26.32
N LEU A 242 -33.01 29.09 25.48
CA LEU A 242 -32.50 27.72 25.33
C LEU A 242 -31.17 27.68 24.61
N THR A 243 -30.52 26.54 24.71
CA THR A 243 -29.27 26.26 24.02
C THR A 243 -29.52 25.29 22.88
N VAL A 244 -29.08 25.66 21.68
CA VAL A 244 -28.98 24.72 20.57
C VAL A 244 -27.53 24.37 20.35
N GLU A 245 -27.30 23.25 19.70
CA GLU A 245 -25.97 22.78 19.38
C GLU A 245 -25.95 22.13 17.99
N ALA A 246 -24.96 22.52 17.20
CA ALA A 246 -24.59 21.86 15.97
C ALA A 246 -23.14 21.52 16.05
N VAL A 247 -22.74 20.40 15.47
CA VAL A 247 -21.35 19.98 15.53
C VAL A 247 -20.83 19.62 14.15
N ASP A 248 -19.53 19.76 13.99
CA ASP A 248 -18.84 19.50 12.75
C ASP A 248 -18.91 18.00 12.43
N SER A 249 -19.40 17.66 11.23
CA SER A 249 -19.47 16.27 10.81
C SER A 249 -18.12 15.68 10.48
N ASP A 250 -17.10 16.54 10.28
CA ASP A 250 -15.75 16.05 10.09
C ASP A 250 -15.17 15.76 11.49
N LYS A 251 -15.26 14.49 11.87
CA LYS A 251 -14.94 14.04 13.24
C LYS A 251 -13.42 13.99 13.50
N GLY A 252 -12.62 14.00 12.46
CA GLY A 252 -11.19 14.17 12.60
C GLY A 252 -10.74 15.61 12.79
N ILE A 253 -11.68 16.53 12.71
CA ILE A 253 -11.45 17.94 12.77
C ILE A 253 -12.17 18.54 13.96
N ASN A 254 -13.47 18.33 14.10
CA ASN A 254 -14.30 18.98 15.14
C ASN A 254 -13.96 20.47 15.30
N ASP A 255 -14.18 21.20 14.21
CA ASP A 255 -14.01 22.65 14.09
C ASP A 255 -15.06 23.28 15.00
N ILE A 256 -14.74 24.41 15.60
CA ILE A 256 -15.68 25.16 16.40
C ILE A 256 -16.85 25.68 15.53
N VAL A 257 -18.05 25.78 16.11
CA VAL A 257 -19.20 26.32 15.41
C VAL A 257 -19.72 27.59 16.06
N THR A 258 -20.12 28.56 15.25
CA THR A 258 -20.86 29.73 15.73
C THR A 258 -22.25 29.75 15.13
N TYR A 259 -23.09 30.63 15.64
CA TYR A 259 -24.51 30.62 15.33
C TYR A 259 -24.94 32.04 15.06
N SER A 260 -25.96 32.21 14.24
CA SER A 260 -26.64 33.50 14.07
C SER A 260 -28.11 33.21 13.75
N VAL A 261 -28.98 34.14 14.09
CA VAL A 261 -30.37 34.11 13.76
C VAL A 261 -30.43 34.69 12.36
N SER A 262 -30.80 33.83 11.41
CA SER A 262 -30.83 34.16 9.99
C SER A 262 -32.20 34.67 9.55
N ASN A 263 -33.24 34.41 10.36
CA ASN A 263 -34.60 34.78 10.04
C ASN A 263 -35.55 34.55 11.20
N SER A 264 -36.66 35.31 11.23
CA SER A 264 -37.75 35.01 12.15
C SER A 264 -39.11 35.66 11.82
N THR A 265 -40.13 35.18 12.51
CA THR A 265 -41.36 35.94 12.72
C THR A 265 -41.04 36.77 13.98
N ARG A 266 -41.21 38.09 13.91
CA ARG A 266 -40.73 39.07 14.93
C ARG A 266 -39.20 39.29 14.93
N PRO A 267 -38.67 39.85 13.83
CA PRO A 267 -37.28 40.27 13.82
C PRO A 267 -36.94 41.14 15.03
N GLY A 268 -35.76 40.91 15.61
CA GLY A 268 -35.31 41.64 16.77
C GLY A 268 -35.66 41.03 18.12
N TRP A 269 -36.72 40.21 18.23
CA TRP A 269 -37.13 39.78 19.57
C TRP A 269 -36.12 38.86 20.21
N PHE A 270 -35.49 38.00 19.40
CA PHE A 270 -34.43 37.08 19.86
C PHE A 270 -33.14 37.17 19.07
N ASP A 271 -32.02 36.92 19.74
CA ASP A 271 -30.71 36.72 19.07
C ASP A 271 -30.02 35.50 19.71
N ILE A 272 -28.80 35.18 19.25
CA ILE A 272 -28.07 34.00 19.71
C ILE A 272 -26.57 34.30 19.87
N ARG A 273 -25.91 33.70 20.87
CA ARG A 273 -24.46 33.80 21.05
C ARG A 273 -23.69 32.72 20.32
N GLU A 274 -22.36 32.90 20.23
CA GLU A 274 -21.44 31.92 19.65
C GLU A 274 -21.56 30.52 20.24
N ASP A 275 -21.93 30.46 21.52
CA ASP A 275 -22.05 29.18 22.23
C ASP A 275 -23.44 28.53 22.08
N GLY A 276 -24.28 29.02 21.16
CA GLY A 276 -25.60 28.43 20.88
C GLY A 276 -26.75 28.87 21.78
N VAL A 277 -26.51 29.80 22.69
CA VAL A 277 -27.54 30.24 23.62
C VAL A 277 -28.35 31.38 23.03
N ILE A 278 -29.64 31.13 23.00
CA ILE A 278 -30.64 32.03 22.45
C ILE A 278 -31.21 32.88 23.57
N PHE A 279 -31.16 34.20 23.38
CA PHE A 279 -31.54 35.15 24.41
C PHE A 279 -32.59 36.16 23.94
N VAL A 280 -33.29 36.74 24.93
CA VAL A 280 -34.23 37.83 24.69
C VAL A 280 -33.45 39.08 24.27
N ASN A 281 -33.79 39.63 23.12
CA ASN A 281 -33.07 40.74 22.48
C ASN A 281 -33.97 41.95 22.21
N GLY A 282 -35.15 41.95 22.80
CA GLY A 282 -36.15 42.99 22.58
C GLY A 282 -37.33 42.83 23.50
N SER A 283 -38.16 43.86 23.55
CA SER A 283 -39.42 43.78 24.26
C SER A 283 -40.32 42.71 23.63
N LEU A 284 -40.72 41.72 24.42
CA LEU A 284 -41.68 40.68 23.99
C LEU A 284 -43.12 41.08 24.33
N ASP A 285 -44.08 40.52 23.63
CA ASP A 285 -45.48 40.97 23.75
C ASP A 285 -46.45 39.85 23.36
N ARG A 286 -46.88 39.10 24.39
CA ARG A 286 -47.78 37.93 24.23
C ARG A 286 -49.04 38.24 23.41
N GLU A 287 -49.56 39.47 23.58
CA GLU A 287 -50.81 39.91 22.93
C GLU A 287 -50.71 40.02 21.41
N GLN A 288 -49.58 40.50 20.90
CA GLN A 288 -49.34 40.53 19.45
C GLN A 288 -49.32 39.16 18.77
N LEU A 289 -49.05 38.10 19.55
CA LEU A 289 -48.98 36.74 19.03
C LEU A 289 -50.24 35.90 19.23
N LEU A 290 -51.36 36.52 19.62
CA LEU A 290 -52.63 35.79 19.80
C LEU A 290 -53.15 35.15 18.48
N LEU A 291 -52.81 35.77 17.35
CA LEU A 291 -53.11 35.23 16.03
C LEU A 291 -52.23 34.01 15.69
N GLU A 292 -50.93 34.08 16.05
CA GLU A 292 -49.94 33.02 15.75
C GLU A 292 -49.59 32.12 16.95
N ASN A 293 -50.62 31.60 17.61
CA ASN A 293 -50.48 30.55 18.63
C ASN A 293 -49.56 30.91 19.82
N GLU A 294 -49.46 32.20 20.14
CA GLU A 294 -48.56 32.73 21.17
C GLU A 294 -47.10 32.28 20.99
N GLU A 295 -46.68 32.19 19.73
CA GLU A 295 -45.42 31.54 19.35
C GLU A 295 -44.61 32.33 18.33
N VAL A 296 -43.29 32.34 18.54
CA VAL A 296 -42.34 32.86 17.58
C VAL A 296 -41.55 31.69 16.99
N GLN A 297 -41.41 31.70 15.66
CA GLN A 297 -40.52 30.77 14.96
C GLN A 297 -39.25 31.51 14.54
N ILE A 298 -38.10 30.86 14.75
CA ILE A 298 -36.76 31.49 14.59
C ILE A 298 -35.84 30.55 13.81
N GLN A 299 -35.22 31.05 12.74
CA GLN A 299 -34.22 30.30 12.00
C GLN A 299 -32.80 30.56 12.54
N VAL A 300 -32.14 29.49 12.99
CA VAL A 300 -30.77 29.50 13.45
C VAL A 300 -29.86 28.85 12.41
N THR A 301 -28.78 29.55 12.12
CA THR A 301 -27.76 29.13 11.18
C THR A 301 -26.50 28.89 11.98
N ALA A 302 -25.90 27.71 11.80
CA ALA A 302 -24.64 27.33 12.42
C ALA A 302 -23.60 27.35 11.31
N THR A 303 -22.45 27.93 11.59
CA THR A 303 -21.37 28.10 10.62
C THR A 303 -20.06 27.70 11.30
N GLU A 304 -19.30 26.83 10.65
CA GLU A 304 -17.99 26.46 11.11
C GLU A 304 -17.08 27.66 11.05
N LYS A 305 -16.06 27.70 11.88
CA LYS A 305 -15.22 28.87 11.96
C LYS A 305 -14.27 28.96 10.80
N ASN A 306 -13.80 27.83 10.31
CA ASN A 306 -12.93 27.78 9.16
C ASN A 306 -13.69 27.41 7.90
N LEU A 307 -13.16 27.87 6.76
CA LEU A 307 -13.76 27.61 5.46
C LEU A 307 -13.48 26.19 5.10
N ASN A 308 -14.34 25.62 4.28
CA ASN A 308 -14.14 24.27 3.80
C ASN A 308 -13.04 24.22 2.73
N ILE A 309 -12.72 23.03 2.25
CA ILE A 309 -11.70 22.84 1.22
C ILE A 309 -11.91 23.64 -0.07
N TYR A 310 -13.15 24.00 -0.37
CA TYR A 310 -13.47 24.78 -1.56
C TYR A 310 -13.46 26.29 -1.28
N GLY A 311 -13.01 26.71 -0.11
CA GLY A 311 -12.97 28.13 0.25
C GLY A 311 -14.32 28.75 0.55
N GLN A 312 -15.30 27.95 0.98
CA GLN A 312 -16.61 28.46 1.32
C GLN A 312 -17.01 28.13 2.75
N GLU A 313 -18.09 28.77 3.19
CA GLU A 313 -18.68 28.52 4.50
C GLU A 313 -19.38 27.17 4.58
N ALA A 314 -19.12 26.46 5.69
CA ALA A 314 -19.74 25.19 6.02
C ALA A 314 -20.79 25.55 7.04
N LYS A 315 -22.06 25.41 6.62
CA LYS A 315 -23.22 25.90 7.35
C LYS A 315 -24.32 24.88 7.41
N ALA A 316 -25.23 25.08 8.34
CA ALA A 316 -26.51 24.38 8.37
C ALA A 316 -27.49 25.27 9.08
N SER A 317 -28.78 25.04 8.82
CA SER A 317 -29.81 25.90 9.39
C SER A 317 -31.02 25.11 9.85
N MET A 318 -31.75 25.70 10.80
CA MET A 318 -33.05 25.16 11.17
C MET A 318 -33.83 26.16 11.97
N TRP A 319 -35.12 25.84 12.09
CA TRP A 319 -36.13 26.63 12.75
C TRP A 319 -36.37 26.13 14.16
N VAL A 320 -36.65 27.08 15.05
CA VAL A 320 -36.88 26.84 16.46
C VAL A 320 -38.18 27.55 16.84
N THR A 321 -39.01 26.87 17.63
CA THR A 321 -40.25 27.47 18.13
C THR A 321 -40.15 27.88 19.59
N ILE A 322 -40.63 29.07 19.88
CA ILE A 322 -40.53 29.66 21.22
C ILE A 322 -41.88 30.20 21.70
N ARG A 323 -42.30 29.73 22.88
CA ARG A 323 -43.63 30.01 23.42
C ARG A 323 -43.51 31.21 24.34
N VAL A 324 -44.26 32.29 24.03
CA VAL A 324 -44.31 33.49 24.87
C VAL A 324 -45.34 33.30 26.01
N THR A 325 -44.80 32.96 27.20
CA THR A 325 -45.49 32.67 28.46
C THR A 325 -46.16 31.30 28.44
CA CA B . 22.72 -18.87 -7.01
CA CA C . 20.16 -17.69 -9.87
CA CA D . 14.13 -15.25 -8.57
CA CA E . -13.95 15.35 5.78
CA CA F . -16.82 20.50 8.48
CL CL G . -2.45 3.88 -13.90
#